data_2RDQ
#
_entry.id   2RDQ
#
_cell.length_a   42.817
_cell.length_b   70.869
_cell.length_c   48.769
_cell.angle_alpha   90.000
_cell.angle_beta   98.210
_cell.angle_gamma   90.000
#
_symmetry.space_group_name_H-M   'P 1 21 1'
#
loop_
_entity.id
_entity.type
_entity.pdbx_description
1 polymer '1-deoxypentalenic acid 11-beta hydroxylase; Fe(II)/alpha-ketoglutarate dependent hydroxylase'
2 non-polymer 'FE (III) ION'
3 non-polymer 'MAGNESIUM ION'
4 non-polymer '2-OXOGLUTARIC ACID'
5 water water
#
_entity_poly.entity_id   1
_entity_poly.type   'polypeptide(L)'
_entity_poly.pdbx_seq_one_letter_code
;GSHMTNVTGDYTDCTPLLGDRAALDSFYEEHGYLFLRNVLDRDLVKTVAEQMREGLVALGAADPHATLEELTIDSFESVD
EVAMHDYVKYDAFWNNPSTIKVFEQVFGEPVFVFLSTTIRYYPSQAGSEEPSFHYLTPFHQDGFYIGPNQDFRTFWIPLI
RTTRESGGVALADGSHRRGKRDHVLNESFRRFGHPVRGIPPTEVSEDEHLLHSPMEPGDILLFHAHMCHKSIPNLSKDPR
LMRMSMDTRVQPAKSHRGFNAMTPWTESAKDASKGIMAKITGTPTDVE
;
_entity_poly.pdbx_strand_id   A
#
# COMPACT_ATOMS: atom_id res chain seq x y z
N THR A 5 -18.71 8.76 4.20
CA THR A 5 -17.49 8.22 3.52
C THR A 5 -17.63 8.24 2.00
N ASN A 6 -16.53 8.54 1.31
CA ASN A 6 -16.50 8.51 -0.15
C ASN A 6 -16.39 7.10 -0.72
N VAL A 7 -15.94 6.17 0.11
CA VAL A 7 -15.87 4.75 -0.28
C VAL A 7 -17.29 4.24 -0.54
N THR A 8 -17.52 3.78 -1.77
CA THR A 8 -18.85 3.34 -2.18
C THR A 8 -18.98 1.83 -2.25
N GLY A 9 -17.86 1.12 -2.07
CA GLY A 9 -17.92 -0.31 -2.20
C GLY A 9 -16.68 -1.08 -1.83
N ASP A 10 -16.83 -2.41 -1.89
CA ASP A 10 -15.77 -3.33 -1.60
C ASP A 10 -14.94 -3.61 -2.83
N TYR A 11 -13.69 -3.99 -2.62
CA TYR A 11 -12.94 -4.63 -3.69
C TYR A 11 -13.69 -5.89 -4.11
N THR A 12 -13.72 -6.17 -5.41
CA THR A 12 -14.20 -7.46 -5.89
C THR A 12 -13.16 -8.50 -5.55
N ASP A 13 -13.60 -9.58 -4.94
CA ASP A 13 -12.75 -10.73 -4.68
C ASP A 13 -12.36 -11.39 -6.00
N CYS A 14 -11.10 -11.24 -6.37
CA CYS A 14 -10.57 -11.77 -7.64
C CYS A 14 -9.96 -13.16 -7.48
N THR A 15 -9.94 -13.67 -6.25
CA THR A 15 -9.39 -14.99 -5.98
C THR A 15 -9.96 -16.09 -6.91
N PRO A 16 -11.30 -16.09 -7.18
CA PRO A 16 -11.86 -17.08 -8.12
C PRO A 16 -11.29 -17.09 -9.54
N LEU A 17 -10.56 -16.05 -9.93
CA LEU A 17 -10.03 -15.93 -11.30
C LEU A 17 -8.65 -16.54 -11.54
N LEU A 18 -7.95 -16.89 -10.46
CA LEU A 18 -6.50 -17.23 -10.50
C LEU A 18 -5.99 -18.26 -11.53
N GLY A 19 -6.74 -19.34 -11.73
CA GLY A 19 -6.37 -20.38 -12.70
C GLY A 19 -6.98 -20.19 -14.07
N ASP A 20 -7.42 -18.97 -14.35
CA ASP A 20 -8.03 -18.61 -15.63
C ASP A 20 -7.37 -17.34 -16.16
N ARG A 21 -6.34 -17.52 -16.98
CA ARG A 21 -5.51 -16.42 -17.49
C ARG A 21 -6.34 -15.32 -18.16
N ALA A 22 -7.19 -15.71 -19.11
CA ALA A 22 -8.01 -14.76 -19.84
C ALA A 22 -8.92 -13.97 -18.92
N ALA A 23 -9.53 -14.64 -17.94
CA ALA A 23 -10.47 -13.98 -17.02
C ALA A 23 -9.75 -13.04 -16.06
N LEU A 24 -8.61 -13.48 -15.53
CA LEU A 24 -7.80 -12.66 -14.63
C LEU A 24 -7.32 -11.39 -15.34
N ASP A 25 -6.76 -11.56 -16.54
CA ASP A 25 -6.30 -10.44 -17.33
C ASP A 25 -7.44 -9.51 -17.75
N SER A 26 -8.60 -10.08 -18.08
CA SER A 26 -9.75 -9.27 -18.48
C SER A 26 -10.22 -8.36 -17.34
N PHE A 27 -10.33 -8.92 -16.14
CA PHE A 27 -10.72 -8.13 -14.98
C PHE A 27 -9.71 -7.02 -14.74
N TYR A 28 -8.43 -7.38 -14.74
CA TYR A 28 -7.36 -6.40 -14.52
C TYR A 28 -7.38 -5.27 -15.55
N GLU A 29 -7.60 -5.62 -16.82
CA GLU A 29 -7.67 -4.62 -17.87
C GLU A 29 -8.83 -3.65 -17.71
N GLU A 30 -10.00 -4.17 -17.32
CA GLU A 30 -11.17 -3.32 -17.11
C GLU A 30 -11.09 -2.47 -15.84
N HIS A 31 -10.63 -3.08 -14.75
CA HIS A 31 -10.75 -2.48 -13.44
C HIS A 31 -9.47 -1.86 -12.90
N GLY A 32 -8.32 -2.40 -13.31
CA GLY A 32 -7.03 -1.83 -12.96
C GLY A 32 -6.46 -2.34 -11.65
N TYR A 33 -7.09 -3.35 -11.06
CA TYR A 33 -6.61 -3.94 -9.83
C TYR A 33 -6.96 -5.41 -9.78
N LEU A 34 -6.31 -6.14 -8.88
CA LEU A 34 -6.76 -7.46 -8.44
C LEU A 34 -6.67 -7.51 -6.93
N PHE A 35 -7.69 -8.11 -6.30
CA PHE A 35 -7.71 -8.36 -4.87
C PHE A 35 -7.68 -9.87 -4.70
N LEU A 36 -6.61 -10.38 -4.10
CA LEU A 36 -6.39 -11.82 -3.96
C LEU A 36 -6.26 -12.21 -2.49
N ARG A 37 -7.09 -13.16 -2.07
CA ARG A 37 -7.21 -13.48 -0.66
C ARG A 37 -6.46 -14.75 -0.30
N ASN A 38 -5.76 -14.66 0.82
CA ASN A 38 -5.06 -15.80 1.42
C ASN A 38 -4.07 -16.47 0.48
N VAL A 39 -3.36 -15.66 -0.30
CA VAL A 39 -2.38 -16.18 -1.26
C VAL A 39 -0.94 -16.18 -0.76
N LEU A 40 -0.64 -15.35 0.23
CA LEU A 40 0.72 -15.30 0.82
C LEU A 40 0.79 -16.17 2.06
N ASP A 41 2.01 -16.55 2.43
CA ASP A 41 2.25 -17.35 3.63
C ASP A 41 2.03 -16.50 4.86
N ARG A 42 0.99 -16.84 5.63
CA ARG A 42 0.61 -16.07 6.80
C ARG A 42 1.68 -16.04 7.89
N ASP A 43 2.44 -17.12 8.00
CA ASP A 43 3.54 -17.16 8.97
C ASP A 43 4.64 -16.19 8.59
N LEU A 44 4.92 -16.08 7.28
CA LEU A 44 5.89 -15.10 6.80
C LEU A 44 5.42 -13.68 7.04
N VAL A 45 4.14 -13.43 6.78
CA VAL A 45 3.57 -12.10 7.00
C VAL A 45 3.67 -11.73 8.47
N LYS A 46 3.34 -12.68 9.34
CA LYS A 46 3.40 -12.44 10.78
C LYS A 46 4.82 -12.11 11.24
N THR A 47 5.82 -12.78 10.68
CA THR A 47 7.20 -12.46 11.05
C THR A 47 7.55 -11.01 10.69
N VAL A 48 7.08 -10.55 9.53
CA VAL A 48 7.30 -9.16 9.15
C VAL A 48 6.55 -8.18 10.07
N ALA A 49 5.31 -8.51 10.41
CA ALA A 49 4.54 -7.69 11.36
C ALA A 49 5.29 -7.59 12.70
N GLU A 50 5.85 -8.71 13.17
N GLU A 50 5.87 -8.69 13.16
CA GLU A 50 6.61 -8.73 14.40
CA GLU A 50 6.61 -8.72 14.41
C GLU A 50 7.89 -7.90 14.31
C GLU A 50 7.96 -7.98 14.33
N GLN A 51 8.54 -7.90 13.14
CA GLN A 51 9.73 -7.06 12.91
C GLN A 51 9.35 -5.58 13.03
N MET A 52 8.23 -5.20 12.41
CA MET A 52 7.74 -3.83 12.50
C MET A 52 7.44 -3.49 13.95
N ARG A 53 6.74 -4.38 14.65
CA ARG A 53 6.43 -4.19 16.06
C ARG A 53 7.69 -3.95 16.89
N GLU A 54 8.72 -4.77 16.69
CA GLU A 54 9.94 -4.60 17.49
C GLU A 54 10.66 -3.30 17.15
N GLY A 55 10.61 -2.90 15.88
CA GLY A 55 11.10 -1.58 15.49
C GLY A 55 10.40 -0.47 16.26
N LEU A 56 9.08 -0.57 16.36
CA LEU A 56 8.30 0.42 17.11
C LEU A 56 8.58 0.44 18.61
N VAL A 57 8.86 -0.72 19.19
CA VAL A 57 9.29 -0.79 20.60
C VAL A 57 10.62 -0.04 20.76
N ALA A 58 11.56 -0.28 19.85
CA ALA A 58 12.85 0.40 19.89
C ALA A 58 12.78 1.90 19.53
N LEU A 59 11.89 2.27 18.61
CA LEU A 59 11.91 3.62 18.02
C LEU A 59 10.65 4.48 18.22
N GLY A 60 9.53 3.87 18.57
CA GLY A 60 8.26 4.58 18.66
C GLY A 60 7.62 4.60 20.03
N ALA A 61 8.36 4.14 21.04
CA ALA A 61 7.84 4.05 22.42
C ALA A 61 6.57 3.19 22.52
N ALA A 62 6.49 2.17 21.65
CA ALA A 62 5.43 1.18 21.76
C ALA A 62 5.63 0.35 23.03
N ASP A 63 4.52 -0.08 23.62
CA ASP A 63 4.48 -0.96 24.77
C ASP A 63 5.22 -2.26 24.44
N PRO A 64 6.31 -2.59 25.18
CA PRO A 64 7.06 -3.82 24.87
C PRO A 64 6.29 -5.12 25.12
N HIS A 65 5.16 -5.03 25.82
CA HIS A 65 4.35 -6.22 26.13
C HIS A 65 3.02 -6.28 25.39
N ALA A 66 2.76 -5.29 24.54
CA ALA A 66 1.55 -5.28 23.74
C ALA A 66 1.57 -6.35 22.65
N THR A 67 0.45 -7.03 22.47
CA THR A 67 0.25 -7.87 21.28
C THR A 67 0.13 -6.93 20.07
N LEU A 68 0.20 -7.49 18.87
CA LEU A 68 0.02 -6.72 17.64
C LEU A 68 -1.28 -5.93 17.65
N GLU A 69 -2.36 -6.54 18.13
CA GLU A 69 -3.64 -5.83 18.11
C GLU A 69 -3.87 -4.89 19.31
N GLU A 70 -2.99 -4.96 20.31
CA GLU A 70 -2.96 -3.96 21.40
C GLU A 70 -2.03 -2.79 21.08
N LEU A 71 -1.14 -2.99 20.13
CA LEU A 71 -0.08 -2.03 19.83
C LEU A 71 -0.63 -0.67 19.40
N THR A 72 0.02 0.39 19.89
CA THR A 72 -0.24 1.75 19.40
C THR A 72 1.02 2.59 19.58
N ILE A 73 1.07 3.74 18.91
CA ILE A 73 2.14 4.71 19.09
C ILE A 73 1.52 6.09 19.15
N ASP A 74 2.22 7.04 19.77
CA ASP A 74 1.73 8.43 19.88
C ASP A 74 1.69 9.14 18.54
N SER A 75 2.67 8.88 17.69
CA SER A 75 2.89 9.70 16.49
C SER A 75 3.71 8.97 15.45
N PHE A 76 3.13 8.82 14.27
CA PHE A 76 3.86 8.26 13.14
C PHE A 76 5.13 9.05 12.83
N GLU A 77 5.01 10.38 12.78
CA GLU A 77 6.11 11.24 12.34
C GLU A 77 7.29 11.30 13.31
N SER A 78 7.05 10.95 14.58
CA SER A 78 8.11 10.98 15.59
C SER A 78 9.04 9.77 15.49
N VAL A 79 8.62 8.76 14.73
CA VAL A 79 9.42 7.55 14.55
C VAL A 79 10.44 7.76 13.43
N ASP A 80 11.69 7.38 13.68
CA ASP A 80 12.74 7.46 12.66
C ASP A 80 12.50 6.40 11.57
N GLU A 81 11.96 6.86 10.43
CA GLU A 81 11.56 5.96 9.36
C GLU A 81 12.75 5.26 8.69
N VAL A 82 13.87 5.97 8.56
CA VAL A 82 15.10 5.37 8.03
C VAL A 82 15.50 4.19 8.91
N ALA A 83 15.46 4.39 10.23
CA ALA A 83 15.83 3.32 11.15
C ALA A 83 14.84 2.15 11.09
N MET A 84 13.56 2.45 10.90
CA MET A 84 12.56 1.40 10.75
C MET A 84 12.86 0.46 9.56
N HIS A 85 13.50 1.01 8.53
CA HIS A 85 13.89 0.22 7.36
C HIS A 85 14.95 -0.84 7.66
N ASP A 86 15.71 -0.66 8.74
CA ASP A 86 16.65 -1.70 9.20
C ASP A 86 15.91 -2.85 9.88
N TYR A 87 14.76 -2.56 10.47
CA TYR A 87 14.00 -3.57 11.21
C TYR A 87 13.15 -4.46 10.31
N VAL A 88 12.45 -3.85 9.36
CA VAL A 88 11.50 -4.57 8.52
C VAL A 88 12.22 -5.20 7.34
N LYS A 89 12.27 -6.53 7.33
CA LYS A 89 13.05 -7.26 6.34
C LYS A 89 12.17 -7.59 5.13
N TYR A 90 11.78 -6.56 4.39
CA TYR A 90 10.84 -6.73 3.28
C TYR A 90 11.41 -7.44 2.06
N ASP A 91 12.67 -7.19 1.71
CA ASP A 91 13.26 -7.85 0.53
C ASP A 91 13.25 -9.36 0.66
N ALA A 92 13.60 -9.86 1.84
CA ALA A 92 13.56 -11.30 2.10
C ALA A 92 12.14 -11.84 2.00
N PHE A 93 11.15 -11.04 2.38
CA PHE A 93 9.75 -11.43 2.25
C PHE A 93 9.30 -11.49 0.79
N TRP A 94 9.52 -10.39 0.06
CA TRP A 94 9.06 -10.30 -1.32
C TRP A 94 9.71 -11.36 -2.19
N ASN A 95 10.96 -11.69 -1.87
CA ASN A 95 11.71 -12.61 -2.71
C ASN A 95 11.70 -14.05 -2.21
N ASN A 96 10.94 -14.31 -1.15
CA ASN A 96 10.67 -15.68 -0.74
C ASN A 96 9.97 -16.41 -1.90
N PRO A 97 10.40 -17.64 -2.21
CA PRO A 97 9.78 -18.41 -3.29
C PRO A 97 8.24 -18.43 -3.29
N SER A 98 7.60 -18.49 -2.12
CA SER A 98 6.14 -18.55 -2.09
C SER A 98 5.51 -17.21 -2.50
N THR A 99 6.21 -16.11 -2.19
CA THR A 99 5.74 -14.78 -2.59
C THR A 99 5.95 -14.57 -4.10
N ILE A 100 7.14 -14.92 -4.57
CA ILE A 100 7.48 -14.83 -5.99
C ILE A 100 6.51 -15.63 -6.85
N LYS A 101 6.12 -16.81 -6.35
CA LYS A 101 5.15 -17.64 -7.05
C LYS A 101 3.84 -16.89 -7.32
N VAL A 102 3.35 -16.17 -6.31
CA VAL A 102 2.15 -15.37 -6.49
C VAL A 102 2.37 -14.24 -7.50
N PHE A 103 3.50 -13.53 -7.42
CA PHE A 103 3.80 -12.49 -8.40
C PHE A 103 3.78 -13.06 -9.83
N GLU A 104 4.40 -14.22 -10.01
CA GLU A 104 4.46 -14.87 -11.31
C GLU A 104 3.08 -15.30 -11.80
N GLN A 105 2.24 -15.74 -10.88
CA GLN A 105 0.86 -16.08 -11.18
C GLN A 105 0.11 -14.87 -11.74
N VAL A 106 0.37 -13.70 -11.16
CA VAL A 106 -0.28 -12.46 -11.62
C VAL A 106 0.21 -12.04 -13.01
N PHE A 107 1.53 -11.97 -13.19
CA PHE A 107 2.12 -11.46 -14.42
C PHE A 107 2.15 -12.49 -15.55
N GLY A 108 2.12 -13.77 -15.20
CA GLY A 108 2.21 -14.85 -16.20
C GLY A 108 3.60 -15.02 -16.80
N GLU A 109 4.61 -14.44 -16.14
CA GLU A 109 6.00 -14.51 -16.58
C GLU A 109 6.90 -14.17 -15.38
N PRO A 110 8.20 -14.50 -15.45
CA PRO A 110 9.13 -14.09 -14.41
C PRO A 110 9.13 -12.58 -14.13
N VAL A 111 9.41 -12.24 -12.87
CA VAL A 111 9.27 -10.87 -12.38
C VAL A 111 10.55 -10.32 -11.77
N PHE A 112 10.61 -8.99 -11.68
CA PHE A 112 11.63 -8.28 -10.91
C PHE A 112 10.91 -7.46 -9.83
N VAL A 113 11.34 -7.62 -8.59
CA VAL A 113 10.77 -6.87 -7.48
C VAL A 113 11.62 -5.62 -7.22
N PHE A 114 10.97 -4.47 -7.14
CA PHE A 114 11.68 -3.22 -6.84
C PHE A 114 12.50 -3.34 -5.56
N LEU A 115 13.64 -2.65 -5.54
CA LEU A 115 14.50 -2.59 -4.36
C LEU A 115 14.01 -1.55 -3.36
N SER A 116 12.97 -0.81 -3.75
CA SER A 116 12.30 0.14 -2.87
C SER A 116 10.97 -0.43 -2.38
N THR A 117 10.72 -0.29 -1.08
CA THR A 117 9.45 -0.64 -0.42
C THR A 117 9.12 0.51 0.52
N THR A 118 7.83 0.85 0.61
CA THR A 118 7.35 1.81 1.58
C THR A 118 6.65 1.06 2.71
N ILE A 119 7.00 1.41 3.95
CA ILE A 119 6.38 0.81 5.13
C ILE A 119 5.52 1.84 5.85
N ARG A 120 4.39 1.38 6.38
CA ARG A 120 3.37 2.28 6.94
C ARG A 120 2.89 1.71 8.26
N TYR A 121 2.89 2.57 9.28
CA TYR A 121 2.57 2.17 10.66
C TYR A 121 1.80 3.33 11.29
N TYR A 122 0.49 3.31 11.10
CA TYR A 122 -0.35 4.46 11.40
C TYR A 122 -1.29 4.20 12.58
N PRO A 123 -1.16 5.00 13.65
CA PRO A 123 -2.06 4.81 14.79
C PRO A 123 -3.43 5.40 14.52
N SER A 124 -4.44 4.90 15.22
CA SER A 124 -5.76 5.51 15.14
C SER A 124 -5.72 6.92 15.70
N GLN A 125 -6.45 7.82 15.05
CA GLN A 125 -6.65 9.16 15.58
C GLN A 125 -8.12 9.45 15.77
N ALA A 126 -8.92 8.40 15.97
CA ALA A 126 -10.33 8.57 16.32
C ALA A 126 -10.44 9.46 17.56
N GLY A 127 -11.31 10.46 17.49
CA GLY A 127 -11.51 11.37 18.61
C GLY A 127 -10.65 12.63 18.61
N SER A 128 -9.56 12.62 17.85
N SER A 128 -9.55 12.62 17.86
CA SER A 128 -8.69 13.78 17.76
CA SER A 128 -8.67 13.79 17.79
C SER A 128 -9.36 14.92 17.01
C SER A 128 -9.32 14.92 17.01
N GLU A 129 -9.41 16.08 17.66
CA GLU A 129 -10.05 17.26 17.06
C GLU A 129 -9.17 17.92 16.01
N GLU A 130 -7.85 17.75 16.13
CA GLU A 130 -6.90 18.30 15.15
C GLU A 130 -5.99 17.17 14.69
N PRO A 131 -6.55 16.20 13.94
CA PRO A 131 -5.74 15.04 13.61
C PRO A 131 -4.61 15.35 12.65
N SER A 132 -3.56 14.55 12.73
CA SER A 132 -2.40 14.67 11.87
C SER A 132 -2.51 13.64 10.75
N PHE A 133 -3.19 14.01 9.67
CA PHE A 133 -3.33 13.12 8.51
C PHE A 133 -2.62 13.66 7.27
N HIS A 134 -1.79 14.68 7.44
CA HIS A 134 -1.10 15.32 6.31
C HIS A 134 -0.06 14.40 5.68
N TYR A 135 0.44 13.42 6.44
CA TYR A 135 1.47 12.51 5.94
C TYR A 135 0.93 11.35 5.10
N LEU A 136 -0.39 11.24 5.04
CA LEU A 136 -1.05 10.24 4.19
C LEU A 136 -0.90 10.62 2.71
N THR A 137 -1.27 9.72 1.80
CA THR A 137 -1.23 10.05 0.39
C THR A 137 -2.57 10.59 -0.08
N PRO A 138 -2.55 11.66 -0.89
CA PRO A 138 -3.77 12.13 -1.54
C PRO A 138 -4.04 11.24 -2.76
N PHE A 139 -5.07 11.52 -3.53
CA PHE A 139 -5.23 10.81 -4.80
C PHE A 139 -3.97 10.97 -5.63
N HIS A 140 -3.46 9.88 -6.17
CA HIS A 140 -2.29 9.94 -7.04
C HIS A 140 -2.21 8.66 -7.87
N GLN A 141 -1.30 8.66 -8.84
CA GLN A 141 -0.97 7.47 -9.61
C GLN A 141 0.50 7.19 -9.38
N ASP A 142 0.86 5.94 -9.12
CA ASP A 142 2.26 5.62 -8.90
C ASP A 142 3.11 5.92 -10.13
N GLY A 143 2.53 5.75 -11.32
CA GLY A 143 3.22 5.98 -12.60
C GLY A 143 3.55 7.44 -12.82
N PHE A 144 2.94 8.33 -12.04
CA PHE A 144 3.33 9.76 -12.08
C PHE A 144 4.74 9.93 -11.54
N TYR A 145 5.09 9.12 -10.54
CA TYR A 145 6.39 9.20 -9.86
C TYR A 145 7.44 8.22 -10.37
N ILE A 146 6.97 7.06 -10.85
CA ILE A 146 7.83 5.93 -11.18
C ILE A 146 7.82 5.69 -12.67
N GLY A 147 9.01 5.50 -13.24
CA GLY A 147 9.12 5.19 -14.65
C GLY A 147 10.57 4.96 -15.05
N PRO A 148 10.87 5.08 -16.36
CA PRO A 148 9.95 5.50 -17.44
C PRO A 148 8.89 4.47 -17.84
N ASN A 149 9.19 3.18 -17.73
CA ASN A 149 8.20 2.15 -18.07
C ASN A 149 6.98 2.25 -17.16
N GLN A 150 5.83 1.86 -17.72
CA GLN A 150 4.56 1.99 -17.00
C GLN A 150 3.84 0.65 -16.87
N ASP A 151 4.62 -0.43 -16.95
CA ASP A 151 4.09 -1.79 -16.89
C ASP A 151 4.41 -2.49 -15.57
N PHE A 152 4.98 -1.74 -14.61
CA PHE A 152 5.05 -2.23 -13.24
C PHE A 152 3.65 -2.20 -12.62
N ARG A 153 3.47 -2.95 -11.55
CA ARG A 153 2.25 -2.88 -10.78
C ARG A 153 2.61 -2.73 -9.32
N THR A 154 1.76 -2.02 -8.57
CA THR A 154 1.97 -1.86 -7.14
C THR A 154 1.34 -3.04 -6.41
N PHE A 155 2.07 -3.57 -5.43
CA PHE A 155 1.58 -4.66 -4.58
C PHE A 155 1.52 -4.14 -3.15
N TRP A 156 0.34 -4.22 -2.56
CA TRP A 156 0.03 -3.60 -1.26
C TRP A 156 -0.43 -4.73 -0.34
N ILE A 157 0.26 -4.89 0.79
CA ILE A 157 -0.18 -5.93 1.72
C ILE A 157 -0.40 -5.42 3.13
N PRO A 158 -1.45 -5.92 3.79
CA PRO A 158 -1.62 -5.66 5.22
C PRO A 158 -0.73 -6.60 6.02
N LEU A 159 -0.04 -6.05 7.02
CA LEU A 159 0.79 -6.85 7.92
C LEU A 159 -0.01 -7.37 9.11
N ILE A 160 -1.00 -6.60 9.55
CA ILE A 160 -2.09 -7.11 10.39
C ILE A 160 -3.39 -6.74 9.69
N ARG A 161 -4.50 -7.35 10.09
CA ARG A 161 -5.77 -7.10 9.42
C ARG A 161 -6.17 -5.63 9.44
N THR A 162 -6.87 -5.22 8.40
CA THR A 162 -7.47 -3.90 8.36
C THR A 162 -8.95 -4.02 8.57
N THR A 163 -9.55 -2.92 9.02
CA THR A 163 -10.99 -2.80 9.11
C THR A 163 -11.39 -1.58 8.27
N ARG A 164 -12.69 -1.39 8.07
CA ARG A 164 -13.16 -0.23 7.33
C ARG A 164 -12.73 1.07 8.00
N GLU A 165 -12.65 1.05 9.33
CA GLU A 165 -12.30 2.22 10.11
C GLU A 165 -10.79 2.41 10.28
N SER A 166 -10.02 1.32 10.27
CA SER A 166 -8.56 1.46 10.41
C SER A 166 -7.89 1.93 9.11
N GLY A 167 -8.56 1.72 8.00
CA GLY A 167 -8.13 2.30 6.72
C GLY A 167 -7.31 1.38 5.85
N GLY A 168 -6.42 1.98 5.06
CA GLY A 168 -5.70 1.26 4.03
C GLY A 168 -5.65 2.13 2.80
N VAL A 169 -5.82 1.52 1.63
CA VAL A 169 -5.76 2.27 0.37
C VAL A 169 -7.10 2.16 -0.36
N ALA A 170 -7.63 3.31 -0.80
CA ALA A 170 -8.86 3.36 -1.58
C ALA A 170 -8.50 3.43 -3.08
N LEU A 171 -9.19 2.63 -3.89
CA LEU A 171 -8.96 2.58 -5.33
C LEU A 171 -10.13 3.17 -6.10
N ALA A 172 -9.86 4.04 -7.07
CA ALA A 172 -10.91 4.55 -7.95
C ALA A 172 -11.03 3.55 -9.10
N ASP A 173 -12.08 2.73 -9.03
CA ASP A 173 -12.28 1.60 -9.94
C ASP A 173 -12.22 2.06 -11.39
N GLY A 174 -11.33 1.45 -12.17
CA GLY A 174 -11.27 1.72 -13.60
C GLY A 174 -10.67 3.07 -14.00
N SER A 175 -9.94 3.72 -13.08
CA SER A 175 -9.38 5.05 -13.30
C SER A 175 -8.00 5.00 -14.00
N HIS A 176 -7.59 3.83 -14.47
CA HIS A 176 -6.27 3.63 -15.06
C HIS A 176 -6.28 3.62 -16.58
N ARG A 177 -7.37 4.11 -17.18
CA ARG A 177 -7.57 3.94 -18.63
C ARG A 177 -7.49 5.23 -19.44
N ARG A 178 -7.12 6.34 -18.81
CA ARG A 178 -6.88 7.58 -19.55
C ARG A 178 -5.51 8.21 -19.29
N GLY A 179 -4.54 7.36 -19.01
CA GLY A 179 -3.15 7.79 -18.83
C GLY A 179 -2.88 8.53 -17.54
N LYS A 180 -1.74 9.21 -17.51
CA LYS A 180 -1.35 10.02 -16.36
C LYS A 180 -2.26 11.24 -16.25
N ARG A 181 -2.63 11.57 -15.02
CA ARG A 181 -3.48 12.72 -14.74
C ARG A 181 -2.72 13.79 -14.00
N ASP A 182 -3.26 15.01 -14.01
CA ASP A 182 -2.60 16.14 -13.35
C ASP A 182 -2.51 15.92 -11.85
N HIS A 183 -1.32 16.18 -11.29
CA HIS A 183 -1.11 16.17 -9.84
C HIS A 183 -0.70 17.59 -9.45
N VAL A 184 -1.47 18.22 -8.58
N VAL A 184 -1.47 18.20 -8.54
CA VAL A 184 -1.17 19.60 -8.19
CA VAL A 184 -1.34 19.62 -8.18
C VAL A 184 -0.96 19.72 -6.69
C VAL A 184 -1.06 19.77 -6.68
N LEU A 185 -0.25 20.78 -6.30
CA LEU A 185 0.07 21.02 -4.89
C LEU A 185 -1.20 21.13 -4.06
N ASN A 186 -1.18 20.46 -2.92
CA ASN A 186 -2.32 20.41 -2.01
C ASN A 186 -1.81 20.71 -0.60
N GLU A 187 -2.22 21.86 -0.07
CA GLU A 187 -1.71 22.34 1.21
C GLU A 187 -2.02 21.47 2.42
N SER A 188 -2.98 20.55 2.26
CA SER A 188 -3.36 19.66 3.36
C SER A 188 -2.51 18.39 3.43
N PHE A 189 -1.57 18.24 2.48
CA PHE A 189 -0.65 17.11 2.50
C PHE A 189 0.78 17.60 2.51
N ARG A 190 1.59 16.97 3.35
CA ARG A 190 3.00 17.31 3.49
C ARG A 190 3.77 16.01 3.75
N ARG A 191 5.03 15.99 3.38
CA ARG A 191 5.87 14.84 3.67
C ARG A 191 7.26 15.33 4.04
N PHE A 192 7.72 14.93 5.23
CA PHE A 192 8.97 15.44 5.80
C PHE A 192 8.99 16.97 5.80
N GLY A 193 7.81 17.56 6.00
CA GLY A 193 7.66 19.02 6.08
C GLY A 193 7.48 19.71 4.74
N HIS A 194 7.65 18.97 3.65
CA HIS A 194 7.63 19.55 2.30
C HIS A 194 6.30 19.35 1.58
N PRO A 195 5.99 20.23 0.60
CA PRO A 195 4.73 20.13 -0.11
C PRO A 195 4.54 18.82 -0.88
N VAL A 196 3.27 18.47 -1.07
CA VAL A 196 2.88 17.25 -1.75
C VAL A 196 1.83 17.58 -2.80
N ARG A 197 1.90 16.86 -3.92
CA ARG A 197 0.94 17.01 -5.01
C ARG A 197 -0.04 15.86 -5.01
N GLY A 198 -1.26 16.15 -5.44
CA GLY A 198 -2.29 15.12 -5.59
C GLY A 198 -3.22 15.47 -6.73
N ILE A 199 -3.93 14.45 -7.22
CA ILE A 199 -4.93 14.66 -8.26
C ILE A 199 -6.13 15.40 -7.65
N PRO A 200 -6.51 16.55 -8.24
CA PRO A 200 -7.64 17.33 -7.69
C PRO A 200 -8.99 16.66 -7.94
N PRO A 201 -10.05 17.05 -7.19
CA PRO A 201 -11.36 16.38 -7.30
C PRO A 201 -12.04 16.54 -8.68
N THR A 202 -11.62 17.54 -9.44
CA THR A 202 -12.11 17.76 -10.80
C THR A 202 -11.54 16.75 -11.80
N GLU A 203 -10.59 15.92 -11.33
CA GLU A 203 -9.94 14.95 -12.20
C GLU A 203 -10.13 13.49 -11.76
N VAL A 204 -10.96 13.24 -10.74
CA VAL A 204 -11.40 11.87 -10.43
C VAL A 204 -12.92 11.78 -10.51
N SER A 205 -13.39 11.00 -11.48
CA SER A 205 -14.80 10.94 -11.85
C SER A 205 -15.65 10.18 -10.84
N GLU A 206 -16.90 10.62 -10.69
CA GLU A 206 -17.89 9.89 -9.89
C GLU A 206 -18.11 8.47 -10.43
N ASP A 207 -17.81 8.28 -11.71
CA ASP A 207 -17.92 6.97 -12.37
C ASP A 207 -16.82 5.97 -11.95
N GLU A 208 -15.71 6.50 -11.43
CA GLU A 208 -14.58 5.66 -11.03
C GLU A 208 -14.75 5.34 -9.54
N HIS A 209 -15.71 4.46 -9.29
CA HIS A 209 -16.24 4.22 -7.95
C HIS A 209 -15.13 3.87 -6.95
N LEU A 210 -15.13 4.56 -5.82
CA LEU A 210 -14.08 4.35 -4.84
C LEU A 210 -14.32 3.08 -4.02
N LEU A 211 -13.27 2.27 -3.92
CA LEU A 211 -13.35 0.94 -3.31
C LEU A 211 -12.39 0.78 -2.16
N HIS A 212 -12.86 0.15 -1.09
CA HIS A 212 -12.03 -0.27 0.02
C HIS A 212 -12.74 -1.42 0.73
N SER A 213 -11.99 -2.46 1.09
CA SER A 213 -12.52 -3.59 1.86
C SER A 213 -11.54 -3.89 2.96
N PRO A 214 -12.03 -4.44 4.09
CA PRO A 214 -11.10 -5.01 5.04
C PRO A 214 -10.28 -6.13 4.40
N MET A 215 -9.06 -6.30 4.88
CA MET A 215 -8.16 -7.33 4.39
C MET A 215 -7.55 -8.07 5.56
N GLU A 216 -7.15 -9.31 5.32
CA GLU A 216 -6.50 -10.15 6.32
C GLU A 216 -5.04 -10.36 5.93
N PRO A 217 -4.15 -10.59 6.91
CA PRO A 217 -2.78 -10.95 6.54
C PRO A 217 -2.80 -12.21 5.69
N GLY A 218 -1.98 -12.24 4.64
CA GLY A 218 -2.08 -13.27 3.62
C GLY A 218 -2.72 -12.77 2.34
N ASP A 219 -3.53 -11.71 2.45
CA ASP A 219 -4.17 -11.10 1.28
C ASP A 219 -3.24 -10.11 0.61
N ILE A 220 -3.51 -9.84 -0.67
CA ILE A 220 -2.74 -8.85 -1.43
C ILE A 220 -3.68 -8.04 -2.31
N LEU A 221 -3.33 -6.77 -2.50
CA LEU A 221 -4.04 -5.89 -3.40
C LEU A 221 -2.99 -5.37 -4.36
N LEU A 222 -3.28 -5.42 -5.66
CA LEU A 222 -2.31 -4.94 -6.65
C LEU A 222 -3.01 -4.07 -7.68
N PHE A 223 -2.29 -3.12 -8.26
CA PHE A 223 -2.93 -2.19 -9.19
C PHE A 223 -1.97 -1.57 -10.21
N HIS A 224 -2.59 -1.20 -11.32
CA HIS A 224 -1.95 -0.61 -12.49
C HIS A 224 -1.25 0.73 -12.16
N ALA A 225 -0.20 1.04 -12.90
CA ALA A 225 0.56 2.28 -12.75
C ALA A 225 -0.29 3.55 -12.85
N HIS A 226 -1.42 3.46 -13.53
CA HIS A 226 -2.31 4.60 -13.72
C HIS A 226 -3.56 4.55 -12.85
N MET A 227 -3.65 3.54 -11.98
CA MET A 227 -4.73 3.50 -11.01
C MET A 227 -4.63 4.68 -10.06
N CYS A 228 -5.71 5.47 -9.99
CA CYS A 228 -5.80 6.58 -9.06
C CYS A 228 -6.24 6.05 -7.71
N HIS A 229 -5.45 6.32 -6.68
CA HIS A 229 -5.67 5.73 -5.37
C HIS A 229 -5.24 6.73 -4.30
N LYS A 230 -5.74 6.54 -3.07
CA LYS A 230 -5.41 7.42 -1.95
C LYS A 230 -5.43 6.67 -0.64
N SER A 231 -4.77 7.23 0.38
CA SER A 231 -4.83 6.68 1.72
C SER A 231 -6.20 6.90 2.37
N ILE A 232 -6.61 5.93 3.17
CA ILE A 232 -7.77 6.08 4.06
C ILE A 232 -7.26 6.22 5.48
N PRO A 233 -7.66 7.30 6.16
CA PRO A 233 -7.17 7.55 7.51
C PRO A 233 -7.62 6.52 8.54
N ASN A 234 -6.81 6.33 9.57
CA ASN A 234 -7.15 5.41 10.64
C ASN A 234 -7.99 6.12 11.70
N LEU A 235 -9.28 5.79 11.72
CA LEU A 235 -10.21 6.31 12.71
C LEU A 235 -10.85 5.14 13.45
N SER A 236 -10.08 4.07 13.67
CA SER A 236 -10.61 2.89 14.34
C SER A 236 -10.86 3.14 15.82
N LYS A 237 -11.95 2.53 16.33
CA LYS A 237 -12.43 2.74 17.68
C LYS A 237 -12.87 1.44 18.34
N ASP A 238 -13.35 0.51 17.52
CA ASP A 238 -14.10 -0.66 18.01
C ASP A 238 -13.82 -1.91 17.16
N PRO A 239 -12.60 -2.49 17.28
CA PRO A 239 -11.51 -2.05 18.15
C PRO A 239 -10.60 -1.02 17.50
N ARG A 240 -9.90 -0.28 18.36
CA ARG A 240 -8.82 0.61 17.96
C ARG A 240 -7.64 -0.27 17.55
N LEU A 241 -7.16 -0.08 16.33
CA LEU A 241 -6.07 -0.89 15.77
C LEU A 241 -5.09 0.02 15.07
N MET A 242 -3.81 -0.33 15.11
CA MET A 242 -2.84 0.27 14.19
C MET A 242 -3.19 -0.19 12.78
N ARG A 243 -2.84 0.61 11.78
CA ARG A 243 -2.83 0.12 10.41
C ARG A 243 -1.37 -0.08 10.04
N MET A 244 -1.01 -1.33 9.78
CA MET A 244 0.36 -1.74 9.48
C MET A 244 0.36 -2.38 8.11
N SER A 245 1.09 -1.78 7.18
CA SER A 245 1.10 -2.27 5.82
C SER A 245 2.44 -1.99 5.16
N MET A 246 2.66 -2.63 4.02
CA MET A 246 3.80 -2.25 3.18
C MET A 246 3.45 -2.41 1.71
N ASP A 247 4.12 -1.63 0.88
CA ASP A 247 3.85 -1.64 -0.54
C ASP A 247 5.14 -1.57 -1.32
N THR A 248 5.20 -2.36 -2.38
CA THR A 248 6.31 -2.30 -3.33
C THR A 248 5.77 -2.31 -4.74
N ARG A 249 6.67 -2.31 -5.71
CA ARG A 249 6.26 -2.47 -7.10
C ARG A 249 6.99 -3.66 -7.68
N VAL A 250 6.34 -4.31 -8.66
CA VAL A 250 6.86 -5.50 -9.30
C VAL A 250 6.63 -5.30 -10.78
N GLN A 251 7.52 -5.82 -11.61
CA GLN A 251 7.37 -5.70 -13.05
C GLN A 251 7.91 -6.95 -13.73
N PRO A 252 7.59 -7.15 -15.02
CA PRO A 252 8.20 -8.28 -15.73
C PRO A 252 9.74 -8.20 -15.65
N ALA A 253 10.37 -9.36 -15.46
CA ALA A 253 11.84 -9.42 -15.40
C ALA A 253 12.51 -8.86 -16.65
N LYS A 254 11.79 -8.91 -17.77
CA LYS A 254 12.32 -8.45 -19.07
C LYS A 254 12.24 -6.93 -19.27
N SER A 255 11.45 -6.24 -18.44
CA SER A 255 11.23 -4.81 -18.63
C SER A 255 12.38 -3.96 -18.13
N HIS A 256 12.46 -2.73 -18.65
CA HIS A 256 13.48 -1.77 -18.23
C HIS A 256 13.38 -1.50 -16.75
N ARG A 257 14.52 -1.52 -16.07
CA ARG A 257 14.57 -1.24 -14.64
C ARG A 257 15.05 0.18 -14.38
N GLY A 258 14.11 1.03 -13.98
CA GLY A 258 14.36 2.45 -13.77
C GLY A 258 14.93 2.77 -12.39
N PHE A 259 15.01 4.06 -12.09
CA PHE A 259 15.61 4.55 -10.86
C PHE A 259 14.98 3.94 -9.60
N ASN A 260 13.66 4.03 -9.56
N ASN A 260 13.67 4.05 -9.46
CA ASN A 260 12.81 3.56 -8.49
CA ASN A 260 13.02 3.50 -8.26
C ASN A 260 12.96 2.06 -8.23
C ASN A 260 13.13 1.98 -8.17
N ALA A 261 13.08 1.30 -9.31
CA ALA A 261 13.24 -0.16 -9.31
C ALA A 261 14.55 -0.58 -8.68
N MET A 262 15.59 0.23 -8.90
CA MET A 262 16.95 -0.11 -8.52
C MET A 262 17.46 0.58 -7.25
N THR A 263 16.64 1.45 -6.66
CA THR A 263 17.12 2.29 -5.57
C THR A 263 16.30 2.08 -4.30
N PRO A 264 16.94 1.61 -3.22
CA PRO A 264 16.24 1.45 -1.95
C PRO A 264 15.64 2.77 -1.44
N TRP A 265 14.55 2.64 -0.67
CA TRP A 265 13.84 3.78 -0.12
C TRP A 265 14.74 4.77 0.60
N THR A 266 15.68 4.26 1.42
CA THR A 266 16.53 5.14 2.22
C THR A 266 17.49 5.96 1.37
N GLU A 267 17.84 5.46 0.19
CA GLU A 267 18.76 6.15 -0.72
C GLU A 267 18.08 7.20 -1.60
N SER A 268 16.77 7.11 -1.75
CA SER A 268 16.03 8.04 -2.61
C SER A 268 15.21 9.07 -1.84
N ALA A 269 14.82 8.73 -0.61
CA ALA A 269 13.91 9.56 0.19
C ALA A 269 14.52 10.89 0.60
#